data_2IXZ
#
_entry.id   2IXZ
#
_cell.length_a   1.000
_cell.length_b   1.000
_cell.length_c   1.000
_cell.angle_alpha   90.00
_cell.angle_beta   90.00
_cell.angle_gamma   90.00
#
_symmetry.space_group_name_H-M   'P 1'
#
_entity_poly.entity_id   1
_entity_poly.type   'polyribonucleotide'
_entity_poly.pdbx_seq_one_letter_code
;GCUGUGCC
;
_entity_poly.pdbx_strand_id   A
#